data_6SV5
#
_entry.id   6SV5
#
_cell.length_a   58.277
_cell.length_b   58.277
_cell.length_c   281.504
_cell.angle_alpha   90.000
_cell.angle_beta   90.000
_cell.angle_gamma   90.000
#
_symmetry.space_group_name_H-M   'P 43 21 2'
#
loop_
_entity.id
_entity.type
_entity.pdbx_description
1 polymer 'Phosphotransferase enzyme family protein, amicoumacin kinase'
2 non-polymer "ADENOSINE-5'-TRIPHOSPHATE"
3 water water
#
_entity_poly.entity_id   1
_entity_poly.type   'polypeptide(L)'
_entity_poly.pdbx_seq_one_letter_code
;MHKDVKAIYEESKILDEATHLYGVQRSDIHFIADAENYVYELKKDGESFILKITHTIRRSPDYILGEMEWLHHLAKGGLS
VAKPIASLNGRDIEQVDDGQGGSFLLRVYEKAPGHKVEEADWNDELFYALGQYTGRMHKLTKSYQLSDPRYKRQEWDEEE
QLKLRKYVPADQTLVFEQADRLMEKLAKLPKNQDTYGLVHADLHHGNFHWDQGKITTFDFDDIGYNWFMNDISILLYNVL
WYPVIPYEDKAAFAGNFMKQFLKGYREENELGDEWLAYIPDFLRLRHVLIYGLLHQAFDLATIGDEEKAMLASFRSDIEQ
AAPITTFDFTKLSQS
;
_entity_poly.pdbx_strand_id   A
#
# COMPACT_ATOMS: atom_id res chain seq x y z
N HIS A 2 5.52 3.79 -18.06
CA HIS A 2 6.81 4.55 -18.12
C HIS A 2 7.54 4.37 -19.45
N LYS A 3 8.00 5.47 -20.04
CA LYS A 3 8.33 5.49 -21.47
C LYS A 3 9.54 4.62 -21.85
N ASP A 4 10.55 4.59 -20.99
CA ASP A 4 11.72 3.73 -21.20
C ASP A 4 11.43 2.24 -21.25
N VAL A 5 10.37 1.81 -20.57
CA VAL A 5 9.91 0.44 -20.48
C VAL A 5 9.00 0.15 -21.69
N LYS A 6 7.99 1.01 -21.90
CA LYS A 6 7.14 0.97 -23.10
C LYS A 6 7.96 0.76 -24.36
N ALA A 7 8.99 1.57 -24.53
CA ALA A 7 9.92 1.42 -25.66
C ALA A 7 10.45 -0.01 -25.88
N ILE A 8 10.60 -0.78 -24.80
CA ILE A 8 11.13 -2.14 -24.83
C ILE A 8 10.04 -3.22 -24.93
N TYR A 9 8.90 -3.00 -24.28
CA TYR A 9 7.87 -4.06 -24.19
C TYR A 9 7.23 -4.46 -25.55
N GLU A 10 7.24 -5.75 -25.84
CA GLU A 10 6.48 -6.31 -26.96
C GLU A 10 5.50 -7.28 -26.37
N GLU A 11 4.29 -6.81 -26.08
CA GLU A 11 3.32 -7.56 -25.28
C GLU A 11 3.17 -9.03 -25.75
N SER A 12 2.86 -9.27 -27.04
CA SER A 12 2.69 -10.66 -27.52
C SER A 12 3.90 -11.60 -27.31
N LYS A 13 5.11 -11.15 -27.62
CA LYS A 13 6.36 -11.81 -27.26
C LYS A 13 6.50 -12.11 -25.73
N ILE A 14 6.21 -11.13 -24.86
CA ILE A 14 6.40 -11.36 -23.43
C ILE A 14 5.28 -12.26 -22.90
N LEU A 15 4.05 -12.09 -23.42
CA LEU A 15 2.94 -12.90 -22.91
C LEU A 15 3.08 -14.37 -23.36
N ASP A 16 3.71 -14.60 -24.51
CA ASP A 16 4.04 -15.98 -24.96
C ASP A 16 5.00 -16.58 -23.89
N GLU A 17 5.99 -15.81 -23.48
CA GLU A 17 6.84 -16.26 -22.32
C GLU A 17 6.01 -16.60 -21.10
N ALA A 18 5.11 -15.71 -20.76
CA ALA A 18 4.17 -15.94 -19.63
C ALA A 18 3.34 -17.22 -19.80
N THR A 19 2.83 -17.45 -21.00
CA THR A 19 2.27 -18.78 -21.35
C THR A 19 3.22 -19.98 -21.13
N HIS A 20 4.46 -19.91 -21.59
CA HIS A 20 5.49 -20.96 -21.34
C HIS A 20 5.77 -21.13 -19.83
N LEU A 21 5.70 -19.99 -19.10
CA LEU A 21 6.09 -19.99 -17.66
C LEU A 21 4.99 -20.34 -16.63
N TYR A 22 3.74 -20.03 -16.92
CA TYR A 22 2.61 -20.26 -16.04
C TYR A 22 1.50 -21.17 -16.55
N GLY A 23 1.58 -21.65 -17.80
CA GLY A 23 0.64 -22.68 -18.30
C GLY A 23 -0.74 -22.20 -18.69
N VAL A 24 -0.89 -20.90 -19.01
CA VAL A 24 -2.18 -20.26 -19.27
C VAL A 24 -2.08 -19.65 -20.64
N GLN A 25 -2.92 -20.10 -21.53
CA GLN A 25 -2.91 -19.66 -22.91
C GLN A 25 -3.39 -18.22 -23.11
N ARG A 26 -2.93 -17.62 -24.18
CA ARG A 26 -3.27 -16.26 -24.56
C ARG A 26 -4.78 -15.94 -24.56
N SER A 27 -5.57 -16.82 -25.13
CA SER A 27 -7.06 -16.82 -24.95
C SER A 27 -7.52 -16.49 -23.53
N ASP A 28 -6.82 -17.05 -22.56
CA ASP A 28 -7.18 -16.90 -21.14
C ASP A 28 -6.46 -15.81 -20.36
N ILE A 29 -5.78 -14.91 -21.08
CA ILE A 29 -5.05 -13.82 -20.52
C ILE A 29 -5.77 -12.56 -21.04
N HIS A 30 -6.20 -11.68 -20.13
CA HIS A 30 -7.06 -10.52 -20.42
C HIS A 30 -6.44 -9.25 -19.79
N PHE A 31 -6.08 -8.25 -20.62
CA PHE A 31 -5.47 -6.99 -20.18
C PHE A 31 -6.36 -6.26 -19.19
N ILE A 32 -5.71 -5.67 -18.16
CA ILE A 32 -6.37 -4.94 -17.07
C ILE A 32 -5.81 -3.51 -16.90
N ALA A 33 -4.50 -3.35 -16.78
CA ALA A 33 -3.96 -2.02 -16.66
C ALA A 33 -2.52 -1.93 -17.09
N ASP A 34 -2.01 -0.70 -17.25
CA ASP A 34 -0.61 -0.46 -17.58
C ASP A 34 -0.02 0.80 -16.94
N ALA A 35 -0.38 1.01 -15.68
CA ALA A 35 0.25 2.09 -14.87
C ALA A 35 1.67 1.67 -14.38
N GLU A 36 1.83 1.22 -13.12
CA GLU A 36 3.17 0.86 -12.56
C GLU A 36 3.59 -0.57 -12.96
N ASN A 37 2.60 -1.37 -13.33
CA ASN A 37 2.84 -2.71 -13.91
C ASN A 37 1.92 -2.93 -15.08
N TYR A 38 2.29 -3.87 -16.00
CA TYR A 38 1.31 -4.40 -16.90
C TYR A 38 0.59 -5.43 -16.04
N VAL A 39 -0.73 -5.36 -16.04
CA VAL A 39 -1.55 -6.21 -15.20
C VAL A 39 -2.54 -6.91 -16.09
N TYR A 40 -2.60 -8.24 -15.96
CA TYR A 40 -3.49 -9.11 -16.77
C TYR A 40 -4.24 -10.05 -15.78
N GLU A 41 -5.50 -10.38 -16.06
CA GLU A 41 -6.17 -11.45 -15.36
C GLU A 41 -5.90 -12.78 -16.14
N LEU A 42 -5.67 -13.88 -15.41
CA LEU A 42 -5.39 -15.21 -15.99
C LEU A 42 -6.48 -16.13 -15.50
N LYS A 43 -7.11 -16.91 -16.39
CA LYS A 43 -8.15 -17.85 -15.95
C LYS A 43 -7.83 -19.26 -16.40
N LYS A 44 -7.82 -20.21 -15.47
CA LYS A 44 -7.60 -21.60 -15.83
C LYS A 44 -8.22 -22.48 -14.76
N ASP A 45 -8.84 -23.56 -15.18
CA ASP A 45 -9.56 -24.53 -14.31
C ASP A 45 -10.59 -23.95 -13.34
N GLY A 46 -11.38 -22.96 -13.80
CA GLY A 46 -12.33 -22.27 -12.96
C GLY A 46 -11.72 -21.40 -11.85
N GLU A 47 -10.43 -21.04 -11.99
CA GLU A 47 -9.69 -20.23 -11.00
C GLU A 47 -9.15 -19.01 -11.72
N SER A 48 -9.00 -17.93 -10.97
CA SER A 48 -8.51 -16.65 -11.48
C SER A 48 -7.24 -16.16 -10.75
N PHE A 49 -6.39 -15.48 -11.49
CA PHE A 49 -5.06 -15.10 -11.05
C PHE A 49 -4.76 -13.75 -11.66
N ILE A 50 -3.78 -13.08 -11.12
CA ILE A 50 -3.40 -11.80 -11.64
C ILE A 50 -1.92 -11.86 -11.93
N LEU A 51 -1.55 -11.31 -13.06
CA LEU A 51 -0.21 -11.36 -13.54
C LEU A 51 0.22 -9.93 -13.60
N LYS A 52 1.36 -9.62 -12.98
CA LYS A 52 1.94 -8.31 -13.03
C LYS A 52 3.30 -8.40 -13.62
N ILE A 53 3.65 -7.39 -14.40
CA ILE A 53 4.92 -7.34 -15.08
C ILE A 53 5.55 -5.96 -14.93
N THR A 54 6.78 -5.94 -14.38
CA THR A 54 7.63 -4.77 -14.40
C THR A 54 8.90 -5.08 -15.02
N HIS A 55 9.85 -4.22 -14.81
CA HIS A 55 11.13 -4.30 -15.44
C HIS A 55 12.30 -3.86 -14.56
N THR A 56 13.48 -4.37 -14.84
CA THR A 56 14.66 -4.00 -14.06
C THR A 56 14.99 -2.50 -14.01
N ILE A 57 14.47 -1.72 -14.96
CA ILE A 57 14.72 -0.28 -15.02
C ILE A 57 13.97 0.38 -13.87
N ARG A 58 12.85 -0.19 -13.46
CA ARG A 58 12.00 0.26 -12.39
C ARG A 58 12.27 -0.43 -11.06
N ARG A 59 12.46 -1.74 -11.04
CA ARG A 59 12.59 -2.48 -9.75
C ARG A 59 13.56 -3.64 -9.89
N SER A 60 14.29 -3.96 -8.82
CA SER A 60 15.24 -5.06 -8.86
C SER A 60 14.52 -6.32 -8.39
N PRO A 61 14.94 -7.49 -8.89
CA PRO A 61 14.35 -8.76 -8.38
C PRO A 61 14.59 -8.96 -6.87
N ASP A 62 15.74 -8.55 -6.40
CA ASP A 62 16.05 -8.58 -4.94
C ASP A 62 14.99 -7.88 -4.15
N TYR A 63 14.56 -6.73 -4.64
CA TYR A 63 13.57 -5.95 -3.94
C TYR A 63 12.26 -6.70 -3.89
N ILE A 64 11.82 -7.27 -5.01
CA ILE A 64 10.53 -7.85 -5.10
C ILE A 64 10.55 -9.17 -4.29
N LEU A 65 11.70 -9.85 -4.30
CA LEU A 65 11.85 -11.05 -3.48
C LEU A 65 11.56 -10.83 -1.95
N GLY A 66 11.89 -9.60 -1.47
CA GLY A 66 11.50 -9.19 -0.14
C GLY A 66 10.00 -9.29 0.03
N GLU A 67 9.24 -8.80 -0.96
CA GLU A 67 7.79 -8.90 -0.89
C GLU A 67 7.34 -10.33 -0.84
N MET A 68 7.94 -11.17 -1.71
CA MET A 68 7.50 -12.55 -1.83
C MET A 68 7.72 -13.25 -0.50
N GLU A 69 8.93 -13.08 0.03
CA GLU A 69 9.26 -13.64 1.36
C GLU A 69 8.20 -13.28 2.45
N TRP A 70 7.79 -12.02 2.46
CA TRP A 70 6.86 -11.57 3.54
C TRP A 70 5.48 -12.19 3.35
N LEU A 71 5.00 -12.22 2.09
CA LEU A 71 3.72 -12.85 1.78
C LEU A 71 3.69 -14.33 2.18
N HIS A 72 4.77 -15.02 1.91
CA HIS A 72 4.86 -16.42 2.32
C HIS A 72 4.71 -16.66 3.79
N HIS A 73 5.42 -15.85 4.57
CA HIS A 73 5.31 -15.85 6.02
C HIS A 73 3.89 -15.63 6.50
N LEU A 74 3.24 -14.57 5.99
CA LEU A 74 1.86 -14.29 6.40
C LEU A 74 0.90 -15.46 6.03
N ALA A 75 0.97 -15.91 4.78
CA ALA A 75 0.15 -17.03 4.34
C ALA A 75 0.39 -18.27 5.20
N LYS A 76 1.65 -18.59 5.42
CA LYS A 76 2.03 -19.71 6.30
C LYS A 76 1.44 -19.60 7.65
N GLY A 77 1.37 -18.38 8.22
CA GLY A 77 0.73 -18.16 9.53
C GLY A 77 -0.78 -18.09 9.51
N GLY A 78 -1.42 -18.33 8.35
CA GLY A 78 -2.90 -18.35 8.29
C GLY A 78 -3.57 -17.03 7.93
N LEU A 79 -2.83 -16.03 7.42
CA LEU A 79 -3.49 -14.78 7.08
C LEU A 79 -3.95 -14.88 5.66
N SER A 80 -5.20 -14.46 5.39
CA SER A 80 -5.68 -14.49 3.99
C SER A 80 -5.07 -13.36 3.14
N VAL A 81 -4.17 -13.71 2.24
CA VAL A 81 -3.53 -12.75 1.40
C VAL A 81 -3.60 -13.32 -0.04
N ALA A 82 -3.45 -12.45 -1.06
CA ALA A 82 -3.32 -12.94 -2.45
C ALA A 82 -1.92 -13.55 -2.63
N LYS A 83 -1.81 -14.82 -2.31
CA LYS A 83 -0.53 -15.59 -2.39
C LYS A 83 0.14 -15.54 -3.74
N PRO A 84 1.47 -15.46 -3.76
CA PRO A 84 2.08 -15.58 -5.07
C PRO A 84 1.96 -17.04 -5.53
N ILE A 85 1.89 -17.20 -6.85
CA ILE A 85 1.74 -18.51 -7.52
C ILE A 85 3.08 -18.89 -8.15
N ALA A 86 3.55 -20.10 -7.80
CA ALA A 86 4.78 -20.62 -8.32
C ALA A 86 4.58 -21.03 -9.78
N SER A 87 5.45 -20.52 -10.65
CA SER A 87 5.49 -20.84 -12.09
C SER A 87 5.71 -22.32 -12.22
N LEU A 88 5.68 -22.81 -13.47
CA LEU A 88 5.97 -24.21 -13.70
C LEU A 88 7.42 -24.56 -13.27
N ASN A 89 8.35 -23.58 -13.30
CA ASN A 89 9.74 -23.76 -12.79
C ASN A 89 9.90 -23.50 -11.27
N GLY A 90 8.77 -23.46 -10.54
CA GLY A 90 8.77 -23.22 -9.08
C GLY A 90 9.00 -21.82 -8.63
N ARG A 91 8.97 -20.81 -9.54
CA ARG A 91 9.36 -19.46 -9.11
C ARG A 91 8.22 -18.52 -8.83
N ASP A 92 8.38 -17.69 -7.83
CA ASP A 92 7.51 -16.57 -7.66
C ASP A 92 7.83 -15.41 -8.59
N ILE A 93 9.07 -15.19 -8.97
CA ILE A 93 9.41 -14.16 -9.95
C ILE A 93 10.08 -14.85 -11.11
N GLU A 94 9.56 -14.61 -12.31
CA GLU A 94 10.16 -15.14 -13.50
C GLU A 94 10.81 -13.96 -14.25
N GLN A 95 12.08 -14.10 -14.54
CA GLN A 95 12.82 -13.04 -15.21
C GLN A 95 12.78 -13.39 -16.68
N VAL A 96 12.33 -12.47 -17.52
CA VAL A 96 12.35 -12.62 -18.96
C VAL A 96 13.31 -11.57 -19.53
N ASP A 97 14.38 -12.05 -20.14
CA ASP A 97 15.43 -11.27 -20.73
C ASP A 97 14.75 -10.43 -21.82
N ASP A 98 15.09 -9.15 -21.89
CA ASP A 98 14.45 -8.22 -22.86
C ASP A 98 15.22 -8.04 -24.17
N GLY A 99 16.41 -8.64 -24.23
CA GLY A 99 17.20 -8.64 -25.44
C GLY A 99 18.21 -7.51 -25.52
N GLN A 100 18.25 -6.67 -24.51
CA GLN A 100 19.17 -5.55 -24.52
C GLN A 100 19.72 -5.27 -23.13
N GLY A 101 20.04 -6.34 -22.39
CA GLY A 101 20.70 -6.26 -21.07
C GLY A 101 19.78 -6.10 -19.87
N GLY A 102 18.48 -5.97 -20.07
CA GLY A 102 17.51 -5.93 -18.92
C GLY A 102 16.60 -7.16 -18.84
N SER A 103 15.69 -7.12 -17.88
CA SER A 103 14.67 -8.18 -17.74
C SER A 103 13.33 -7.65 -17.34
N PHE A 104 12.30 -8.31 -17.86
CA PHE A 104 10.94 -8.12 -17.45
C PHE A 104 10.77 -9.06 -16.28
N LEU A 105 10.05 -8.60 -15.26
CA LEU A 105 9.81 -9.35 -14.06
C LEU A 105 8.34 -9.72 -13.86
N LEU A 106 8.04 -10.97 -14.09
CA LEU A 106 6.71 -11.44 -14.00
C LEU A 106 6.42 -12.11 -12.70
N ARG A 107 5.21 -11.95 -12.27
CA ARG A 107 4.75 -12.64 -11.10
C ARG A 107 3.28 -12.75 -11.13
N VAL A 108 2.80 -13.82 -10.55
CA VAL A 108 1.43 -14.10 -10.58
C VAL A 108 0.93 -14.33 -9.21
N TYR A 109 -0.27 -13.82 -8.97
CA TYR A 109 -0.86 -13.92 -7.66
C TYR A 109 -2.22 -14.49 -7.73
N GLU A 110 -2.73 -15.07 -6.68
CA GLU A 110 -4.09 -15.44 -6.70
C GLU A 110 -4.97 -14.18 -6.81
N LYS A 111 -6.07 -14.26 -7.54
CA LYS A 111 -7.09 -13.18 -7.50
C LYS A 111 -7.86 -13.34 -6.22
N ALA A 112 -7.85 -12.30 -5.37
CA ALA A 112 -8.41 -12.45 -4.07
C ALA A 112 -9.90 -12.69 -4.19
N PRO A 113 -10.47 -13.66 -3.48
CA PRO A 113 -11.92 -13.87 -3.55
C PRO A 113 -12.78 -12.67 -3.10
N GLY A 114 -13.84 -12.42 -3.87
CA GLY A 114 -14.92 -11.56 -3.49
C GLY A 114 -14.77 -10.27 -4.24
N HIS A 115 -15.19 -9.17 -3.64
CA HIS A 115 -15.38 -7.91 -4.34
C HIS A 115 -14.88 -6.79 -3.45
N LYS A 116 -14.60 -5.65 -4.05
CA LYS A 116 -14.36 -4.45 -3.30
C LYS A 116 -15.61 -4.07 -2.54
N VAL A 117 -15.45 -3.58 -1.31
CA VAL A 117 -16.62 -3.24 -0.55
C VAL A 117 -17.49 -2.18 -1.23
N GLU A 118 -18.80 -2.40 -1.10
CA GLU A 118 -19.83 -1.48 -1.57
C GLU A 118 -20.63 -0.98 -0.37
N GLU A 119 -21.56 -0.04 -0.64
CA GLU A 119 -22.30 0.65 0.43
C GLU A 119 -22.93 -0.32 1.44
N ALA A 120 -23.47 -1.46 1.00
CA ALA A 120 -24.08 -2.38 1.98
C ALA A 120 -23.02 -3.05 2.92
N ASP A 121 -21.73 -3.00 2.58
CA ASP A 121 -20.70 -3.62 3.40
C ASP A 121 -20.01 -2.58 4.31
N TRP A 122 -20.33 -1.29 4.18
CA TRP A 122 -19.56 -0.23 4.79
C TRP A 122 -20.19 0.20 6.03
N ASN A 123 -19.77 -0.40 7.13
CA ASN A 123 -20.43 -0.24 8.42
C ASN A 123 -19.48 -0.71 9.53
N ASP A 124 -19.95 -0.63 10.78
CA ASP A 124 -19.12 -0.97 11.93
C ASP A 124 -18.54 -2.41 11.89
N GLU A 125 -19.26 -3.36 11.29
CA GLU A 125 -18.75 -4.73 11.18
C GLU A 125 -17.53 -4.80 10.26
N LEU A 126 -17.53 -4.02 9.19
CA LEU A 126 -16.33 -3.96 8.34
C LEU A 126 -15.15 -3.36 9.07
N PHE A 127 -15.37 -2.24 9.77
CA PHE A 127 -14.27 -1.55 10.49
C PHE A 127 -13.70 -2.42 11.61
N TYR A 128 -14.56 -3.16 12.34
CA TYR A 128 -14.15 -4.18 13.28
C TYR A 128 -13.29 -5.32 12.65
N ALA A 129 -13.74 -5.78 11.47
CA ALA A 129 -13.08 -6.85 10.78
C ALA A 129 -11.71 -6.42 10.30
N LEU A 130 -11.63 -5.20 9.81
CA LEU A 130 -10.37 -4.61 9.42
C LEU A 130 -9.40 -4.59 10.59
N GLY A 131 -9.93 -4.22 11.75
CA GLY A 131 -9.16 -4.20 13.01
C GLY A 131 -8.61 -5.59 13.38
N GLN A 132 -9.48 -6.57 13.42
CA GLN A 132 -9.05 -7.96 13.63
C GLN A 132 -7.99 -8.41 12.63
N TYR A 133 -8.17 -8.06 11.38
CA TYR A 133 -7.29 -8.57 10.32
C TYR A 133 -5.88 -7.89 10.39
N THR A 134 -5.88 -6.59 10.56
CA THR A 134 -4.66 -5.83 10.69
C THR A 134 -3.87 -6.23 11.97
N GLY A 135 -4.58 -6.53 13.04
CA GLY A 135 -3.98 -7.05 14.27
C GLY A 135 -3.32 -8.40 14.05
N ARG A 136 -3.98 -9.25 13.28
CA ARG A 136 -3.37 -10.53 12.95
C ARG A 136 -2.13 -10.34 12.13
N MET A 137 -2.21 -9.40 11.21
CA MET A 137 -1.11 -9.08 10.34
C MET A 137 0.10 -8.57 11.11
N HIS A 138 -0.11 -7.64 12.05
CA HIS A 138 1.00 -7.11 12.81
C HIS A 138 1.56 -8.11 13.71
N LYS A 139 0.72 -8.88 14.40
CA LYS A 139 1.21 -10.01 15.15
C LYS A 139 2.11 -10.92 14.35
N LEU A 140 1.71 -11.34 13.15
CA LEU A 140 2.52 -12.23 12.40
C LEU A 140 3.81 -11.57 11.90
N THR A 141 3.81 -10.27 11.63
CA THR A 141 5.05 -9.70 11.08
C THR A 141 6.15 -9.77 12.14
N LYS A 142 5.78 -9.72 13.43
CA LYS A 142 6.78 -9.82 14.52
C LYS A 142 7.68 -11.05 14.44
N SER A 143 7.22 -12.12 13.79
CA SER A 143 8.08 -13.33 13.69
C SER A 143 8.73 -13.47 12.32
N TYR A 144 8.52 -12.52 11.42
CA TYR A 144 9.12 -12.53 10.10
C TYR A 144 10.63 -12.37 10.23
N GLN A 145 11.39 -13.27 9.61
CA GLN A 145 12.86 -13.18 9.63
C GLN A 145 13.39 -12.93 8.29
N LEU A 146 13.91 -11.73 8.04
CA LEU A 146 14.60 -11.49 6.74
C LEU A 146 15.68 -12.59 6.46
N SER A 147 15.69 -13.31 5.30
CA SER A 147 16.66 -14.33 5.06
C SER A 147 18.08 -13.82 4.76
N ASP A 148 18.20 -12.61 4.20
CA ASP A 148 19.49 -11.99 3.86
C ASP A 148 19.26 -10.49 3.59
N PRO A 149 20.22 -9.63 3.89
CA PRO A 149 20.05 -8.19 3.69
C PRO A 149 19.75 -7.78 2.28
N ARG A 150 20.09 -8.60 1.29
CA ARG A 150 19.85 -8.26 -0.08
C ARG A 150 18.38 -8.00 -0.44
N TYR A 151 17.46 -8.71 0.19
CA TYR A 151 16.03 -8.61 0.00
C TYR A 151 15.35 -7.57 0.93
N LYS A 152 16.14 -6.82 1.65
CA LYS A 152 15.58 -5.85 2.59
C LYS A 152 14.75 -4.74 1.98
N ARG A 153 13.54 -4.60 2.45
CA ARG A 153 12.66 -3.49 2.05
C ARG A 153 13.04 -2.13 2.73
N GLN A 154 12.40 -1.04 2.34
CA GLN A 154 12.72 0.31 2.80
C GLN A 154 12.25 0.65 4.17
N GLU A 155 12.92 1.64 4.74
CA GLU A 155 12.52 2.22 6.02
C GLU A 155 11.38 3.23 5.81
N TRP A 156 10.72 3.61 6.92
CA TRP A 156 9.52 4.46 6.89
C TRP A 156 9.72 5.73 6.18
N ASP A 157 10.95 6.25 6.17
CA ASP A 157 11.20 7.59 5.65
C ASP A 157 12.02 7.53 4.41
N GLU A 158 11.95 6.44 3.62
CA GLU A 158 12.79 6.29 2.43
C GLU A 158 12.02 6.48 1.12
N GLU A 159 10.72 6.21 1.10
CA GLU A 159 9.86 6.68 0.00
C GLU A 159 9.65 8.11 0.34
N LYS A 163 12.06 14.67 1.32
CA LYS A 163 10.64 14.28 1.17
C LYS A 163 9.88 14.80 -0.07
N LEU A 164 10.10 16.08 -0.36
CA LEU A 164 9.44 16.78 -1.46
C LEU A 164 10.22 17.96 -2.09
N ARG A 165 11.51 18.14 -1.79
CA ARG A 165 12.33 19.16 -2.49
C ARG A 165 12.58 18.67 -3.92
N LYS A 166 12.68 17.36 -4.12
CA LYS A 166 12.82 16.80 -5.46
C LYS A 166 11.61 17.13 -6.37
N TYR A 167 10.37 17.11 -5.83
CA TYR A 167 9.14 17.34 -6.62
C TYR A 167 8.39 18.66 -6.41
N VAL A 168 8.57 19.35 -5.29
CA VAL A 168 7.85 20.61 -4.97
C VAL A 168 8.71 21.81 -5.36
N PRO A 169 8.09 22.93 -5.81
CA PRO A 169 8.83 24.16 -6.12
C PRO A 169 9.71 24.67 -4.97
N ALA A 170 10.97 24.97 -5.29
CA ALA A 170 11.99 25.26 -4.28
C ALA A 170 11.74 26.52 -3.42
N ASP A 171 10.90 27.43 -3.89
CA ASP A 171 10.52 28.62 -3.15
C ASP A 171 9.46 28.42 -2.04
N GLN A 172 8.97 27.19 -1.81
CA GLN A 172 7.89 26.90 -0.84
C GLN A 172 8.51 26.56 0.50
N THR A 173 9.10 27.61 1.07
CA THR A 173 9.97 27.58 2.22
C THR A 173 9.27 26.98 3.43
N LEU A 174 8.05 27.47 3.65
CA LEU A 174 7.22 27.09 4.78
C LEU A 174 6.78 25.61 4.71
N VAL A 175 6.51 25.12 3.50
CA VAL A 175 6.22 23.71 3.26
C VAL A 175 7.37 22.84 3.76
N PHE A 176 8.60 23.18 3.38
CA PHE A 176 9.74 22.35 3.73
C PHE A 176 10.06 22.47 5.19
N GLU A 177 9.90 23.65 5.79
CA GLU A 177 10.12 23.77 7.20
C GLU A 177 9.17 22.82 7.94
N GLN A 178 7.87 22.86 7.61
CA GLN A 178 6.92 22.03 8.36
C GLN A 178 7.16 20.60 8.15
N ALA A 179 7.45 20.25 6.94
CA ALA A 179 7.66 18.88 6.68
C ALA A 179 8.94 18.40 7.37
N ASP A 180 10.03 19.16 7.26
CA ASP A 180 11.30 18.78 7.93
C ASP A 180 11.06 18.58 9.43
N ARG A 181 10.41 19.56 10.06
CA ARG A 181 10.01 19.56 11.48
C ARG A 181 9.20 18.32 11.87
N LEU A 182 8.24 17.97 11.01
CA LEU A 182 7.46 16.74 11.17
C LEU A 182 8.31 15.47 11.10
N MET A 183 9.19 15.38 10.12
CA MET A 183 9.98 14.15 9.96
C MET A 183 11.03 13.98 11.09
N GLU A 184 11.53 15.11 11.58
CA GLU A 184 12.51 15.10 12.71
C GLU A 184 11.89 14.61 13.99
N LYS A 185 10.65 15.03 14.26
CA LYS A 185 9.84 14.52 15.40
C LYS A 185 9.62 13.03 15.31
N LEU A 186 9.13 12.61 14.15
CA LEU A 186 8.87 11.23 13.88
C LEU A 186 10.10 10.30 13.97
N ALA A 187 11.25 10.75 13.50
CA ALA A 187 12.47 10.00 13.63
C ALA A 187 12.84 9.57 15.04
N LYS A 188 12.45 10.36 16.05
CA LYS A 188 12.63 10.13 17.44
C LYS A 188 11.58 9.19 18.05
N LEU A 189 10.62 8.72 17.29
CA LEU A 189 9.72 7.72 17.85
C LEU A 189 10.44 6.34 18.12
N PRO A 190 10.08 5.65 19.22
CA PRO A 190 10.75 4.36 19.56
C PRO A 190 10.44 3.30 18.50
N LYS A 191 11.47 2.60 18.01
CA LYS A 191 11.32 1.45 17.08
C LYS A 191 11.75 0.15 17.77
N ASN A 192 10.80 -0.73 17.98
CA ASN A 192 11.15 -2.03 18.50
C ASN A 192 10.23 -3.05 17.94
N GLN A 193 10.48 -4.30 18.32
CA GLN A 193 9.74 -5.44 17.84
C GLN A 193 8.21 -5.29 18.09
N ASP A 194 7.83 -4.54 19.09
CA ASP A 194 6.41 -4.37 19.38
C ASP A 194 5.86 -3.05 18.86
N THR A 195 6.64 -2.23 18.16
CA THR A 195 6.10 -0.99 17.56
C THR A 195 6.33 -0.79 16.08
N TYR A 196 7.27 -1.49 15.48
CA TYR A 196 7.75 -1.18 14.19
C TYR A 196 8.10 -2.51 13.51
N GLY A 197 7.79 -2.59 12.26
CA GLY A 197 8.13 -3.80 11.47
C GLY A 197 7.77 -3.69 10.01
N LEU A 198 7.94 -4.78 9.30
CA LEU A 198 7.46 -4.87 7.94
C LEU A 198 5.92 -4.85 7.89
N VAL A 199 5.38 -3.88 7.18
CA VAL A 199 3.92 -3.71 7.13
C VAL A 199 3.54 -3.38 5.65
N HIS A 200 2.26 -3.47 5.45
CA HIS A 200 1.68 -3.35 4.12
C HIS A 200 1.92 -1.93 3.56
N ALA A 201 1.71 -0.92 4.40
CA ALA A 201 2.03 0.48 4.14
C ALA A 201 1.09 1.27 3.20
N ASP A 202 -0.03 0.65 2.82
CA ASP A 202 -0.94 1.17 1.81
C ASP A 202 -2.35 0.55 1.84
N LEU A 203 -2.78 0.23 3.05
CA LEU A 203 -4.15 -0.29 3.31
C LEU A 203 -5.23 0.77 2.98
N HIS A 204 -6.02 0.44 2.01
CA HIS A 204 -7.31 1.08 1.80
C HIS A 204 -8.27 0.06 1.18
N HIS A 205 -9.53 0.46 0.97
CA HIS A 205 -10.59 -0.43 0.43
C HIS A 205 -10.55 -0.75 -1.11
N GLY A 206 -9.67 -0.06 -1.82
CA GLY A 206 -9.13 -0.53 -3.11
C GLY A 206 -8.13 -1.70 -3.11
N ASN A 207 -7.56 -1.99 -1.95
CA ASN A 207 -6.54 -2.99 -1.76
C ASN A 207 -6.91 -4.25 -0.99
N PHE A 208 -8.19 -4.44 -0.75
CA PHE A 208 -8.65 -5.68 -0.20
C PHE A 208 -10.01 -6.09 -0.82
N HIS A 209 -10.33 -7.37 -0.71
CA HIS A 209 -11.59 -7.89 -1.18
C HIS A 209 -12.28 -8.49 0.02
N TRP A 210 -13.58 -8.40 -0.03
CA TRP A 210 -14.46 -8.79 1.07
C TRP A 210 -15.33 -9.90 0.50
N ASP A 211 -15.41 -11.03 1.17
CA ASP A 211 -16.13 -12.22 0.67
C ASP A 211 -16.93 -12.79 1.80
N GLN A 212 -18.16 -12.30 1.96
CA GLN A 212 -19.07 -12.71 3.04
C GLN A 212 -18.38 -12.64 4.40
N GLY A 213 -17.87 -11.45 4.72
CA GLY A 213 -17.16 -11.22 5.98
C GLY A 213 -15.66 -11.46 6.00
N LYS A 214 -15.10 -12.18 5.03
CA LYS A 214 -13.66 -12.53 5.05
C LYS A 214 -12.81 -11.53 4.22
N ILE A 215 -11.78 -10.94 4.84
CA ILE A 215 -10.86 -10.01 4.15
C ILE A 215 -9.74 -10.76 3.46
N THR A 216 -9.38 -10.36 2.24
CA THR A 216 -8.13 -10.75 1.67
C THR A 216 -7.46 -9.54 1.10
N THR A 217 -6.25 -9.25 1.50
CA THR A 217 -5.48 -8.15 0.92
C THR A 217 -4.65 -8.51 -0.32
N PHE A 218 -4.31 -7.50 -1.13
CA PHE A 218 -3.44 -7.65 -2.29
C PHE A 218 -2.72 -6.36 -2.48
N ASP A 219 -1.97 -6.24 -3.55
CA ASP A 219 -1.07 -5.07 -3.82
C ASP A 219 -0.04 -4.77 -2.69
N PHE A 220 0.91 -5.70 -2.62
CA PHE A 220 2.01 -5.65 -1.72
C PHE A 220 3.23 -5.05 -2.44
N ASP A 221 3.03 -4.25 -3.48
CA ASP A 221 4.18 -3.72 -4.20
C ASP A 221 5.07 -2.82 -3.37
N ASP A 222 4.49 -2.12 -2.36
CA ASP A 222 5.17 -1.05 -1.68
C ASP A 222 5.32 -1.28 -0.18
N ILE A 223 5.30 -2.54 0.20
CA ILE A 223 5.47 -2.86 1.58
C ILE A 223 6.79 -2.36 2.09
N GLY A 224 6.83 -2.02 3.38
CA GLY A 224 8.05 -1.53 3.95
C GLY A 224 8.02 -1.47 5.46
N TYR A 225 9.17 -1.11 5.97
CA TYR A 225 9.36 -0.99 7.46
C TYR A 225 8.65 0.24 7.85
N ASN A 226 7.79 0.14 8.84
CA ASN A 226 7.04 1.28 9.40
C ASN A 226 6.44 0.97 10.78
N TRP A 227 5.93 1.98 11.46
CA TRP A 227 5.30 1.78 12.72
C TRP A 227 3.94 1.13 12.53
N PHE A 228 3.58 0.27 13.44
CA PHE A 228 2.31 -0.36 13.42
C PHE A 228 1.18 0.65 13.38
N MET A 229 1.29 1.69 14.20
CA MET A 229 0.28 2.68 14.24
C MET A 229 0.21 3.51 12.98
N ASN A 230 1.32 3.72 12.24
CA ASN A 230 1.29 4.46 11.05
C ASN A 230 0.57 3.60 9.98
N ASP A 231 0.89 2.31 9.92
CA ASP A 231 0.13 1.37 9.09
C ASP A 231 -1.39 1.62 9.30
N ILE A 232 -1.76 1.75 10.56
CA ILE A 232 -3.18 1.95 10.96
C ILE A 232 -3.63 3.36 10.53
N SER A 233 -2.80 4.39 10.81
CA SER A 233 -3.15 5.76 10.39
C SER A 233 -3.33 5.93 8.87
N ILE A 234 -2.62 5.14 8.09
CA ILE A 234 -2.72 5.17 6.58
C ILE A 234 -4.07 4.66 6.11
N LEU A 235 -4.53 3.56 6.70
CA LEU A 235 -5.92 3.13 6.54
C LEU A 235 -6.89 4.23 6.89
N LEU A 236 -6.72 4.83 8.08
CA LEU A 236 -7.58 5.89 8.51
C LEU A 236 -7.59 7.01 7.52
N TYR A 237 -6.42 7.47 7.06
CA TYR A 237 -6.32 8.59 6.14
C TYR A 237 -7.14 8.26 4.90
N ASN A 238 -6.97 7.08 4.33
CA ASN A 238 -7.65 6.73 3.12
C ASN A 238 -9.15 6.64 3.26
N VAL A 239 -9.62 6.00 4.34
CA VAL A 239 -11.05 5.97 4.60
C VAL A 239 -11.65 7.38 4.86
N LEU A 240 -10.87 8.27 5.46
CA LEU A 240 -11.32 9.66 5.58
C LEU A 240 -11.36 10.34 4.22
N TRP A 241 -10.49 9.92 3.28
CA TRP A 241 -10.38 10.66 2.04
C TRP A 241 -11.47 10.27 1.03
N TYR A 242 -11.63 8.97 0.81
CA TYR A 242 -12.61 8.48 -0.16
C TYR A 242 -13.42 7.37 0.46
N PRO A 243 -14.23 7.69 1.45
CA PRO A 243 -15.11 6.65 2.00
C PRO A 243 -16.15 6.19 0.98
N VAL A 244 -16.63 4.97 1.16
CA VAL A 244 -17.62 4.40 0.21
C VAL A 244 -18.97 5.11 0.34
N ILE A 245 -19.29 5.52 1.54
CA ILE A 245 -20.45 6.35 1.79
C ILE A 245 -19.87 7.59 2.38
N PRO A 246 -20.29 8.76 1.92
CA PRO A 246 -19.81 9.98 2.57
C PRO A 246 -20.34 10.11 3.95
N TYR A 247 -19.56 10.70 4.83
CA TYR A 247 -19.94 10.96 6.20
C TYR A 247 -20.24 12.45 6.38
N GLU A 248 -21.02 12.73 7.43
CA GLU A 248 -21.46 14.09 7.71
C GLU A 248 -20.48 14.84 8.57
N ASP A 249 -19.93 14.15 9.58
CA ASP A 249 -19.04 14.79 10.53
C ASP A 249 -17.74 14.02 10.57
N LYS A 250 -16.66 14.68 10.12
CA LYS A 250 -15.38 14.08 9.99
C LYS A 250 -14.83 13.53 11.28
N ALA A 251 -14.81 14.32 12.35
CA ALA A 251 -14.27 13.87 13.59
C ALA A 251 -15.05 12.68 14.16
N ALA A 252 -16.39 12.72 14.10
CA ALA A 252 -17.16 11.68 14.74
C ALA A 252 -17.02 10.38 13.87
N PHE A 253 -16.80 10.52 12.54
CA PHE A 253 -16.64 9.33 11.70
C PHE A 253 -15.25 8.76 11.99
N ALA A 254 -14.27 9.64 12.17
CA ALA A 254 -12.93 9.16 12.51
C ALA A 254 -12.87 8.40 13.84
N GLY A 255 -13.46 9.00 14.85
CA GLY A 255 -13.62 8.45 16.18
C GLY A 255 -14.32 7.09 16.19
N ASN A 256 -15.47 6.97 15.52
CA ASN A 256 -16.20 5.68 15.44
C ASN A 256 -15.43 4.61 14.65
N PHE A 257 -14.81 5.00 13.54
CA PHE A 257 -14.03 4.06 12.76
C PHE A 257 -12.95 3.47 13.65
N MET A 258 -12.23 4.29 14.37
CA MET A 258 -11.10 3.81 15.16
C MET A 258 -11.57 3.03 16.36
N LYS A 259 -12.71 3.43 16.94
CA LYS A 259 -13.34 2.66 18.04
C LYS A 259 -13.63 1.22 17.59
N GLN A 260 -14.35 1.07 16.50
CA GLN A 260 -14.67 -0.23 15.91
C GLN A 260 -13.38 -0.99 15.52
N PHE A 261 -12.51 -0.35 14.74
CA PHE A 261 -11.21 -0.91 14.41
C PHE A 261 -10.40 -1.42 15.60
N LEU A 262 -10.16 -0.56 16.63
CA LEU A 262 -9.35 -0.94 17.75
C LEU A 262 -9.95 -2.06 18.57
N LYS A 263 -11.28 -2.11 18.70
CA LYS A 263 -11.91 -3.25 19.38
C LYS A 263 -11.48 -4.55 18.71
N GLY A 264 -11.47 -4.58 17.38
CA GLY A 264 -11.06 -5.78 16.67
C GLY A 264 -9.55 -6.03 16.77
N TYR A 265 -8.78 -4.97 16.57
CA TYR A 265 -7.35 -5.06 16.62
C TYR A 265 -6.85 -5.54 18.00
N ARG A 266 -7.43 -5.05 19.08
CA ARG A 266 -7.03 -5.51 20.42
C ARG A 266 -7.27 -7.02 20.71
N GLU A 267 -8.05 -7.68 19.85
CA GLU A 267 -8.22 -9.10 19.97
C GLU A 267 -6.97 -9.83 19.53
N GLU A 268 -6.12 -9.17 18.78
CA GLU A 268 -5.14 -9.88 18.01
C GLU A 268 -3.71 -9.41 18.11
N ASN A 269 -3.48 -8.18 18.54
CA ASN A 269 -2.17 -7.69 18.84
C ASN A 269 -2.30 -6.70 19.98
N GLU A 270 -1.24 -6.69 20.79
CA GLU A 270 -1.02 -5.83 21.87
C GLU A 270 -0.16 -4.65 21.39
N LEU A 271 -0.76 -3.46 21.22
CA LEU A 271 0.00 -2.26 20.86
C LEU A 271 -0.33 -1.21 21.94
N GLY A 272 0.69 -0.66 22.55
CA GLY A 272 0.49 0.26 23.66
C GLY A 272 -0.40 1.45 23.32
N ASP A 273 -1.28 1.79 24.25
CA ASP A 273 -2.07 3.02 24.10
C ASP A 273 -1.35 4.37 23.93
N GLU A 274 -0.06 4.46 24.24
CA GLU A 274 0.71 5.66 23.97
C GLU A 274 0.73 6.00 22.50
N TRP A 275 0.60 4.98 21.66
CA TRP A 275 0.58 5.17 20.21
C TRP A 275 -0.57 6.01 19.66
N LEU A 276 -1.72 5.96 20.30
CA LEU A 276 -2.87 6.81 19.96
C LEU A 276 -2.55 8.30 19.78
N ALA A 277 -1.65 8.82 20.59
CA ALA A 277 -1.20 10.23 20.54
C ALA A 277 -0.51 10.62 19.25
N TYR A 278 -0.10 9.62 18.45
CA TYR A 278 0.64 9.91 17.25
C TYR A 278 -0.14 9.70 15.95
N ILE A 279 -1.38 9.25 16.05
CA ILE A 279 -2.28 9.24 14.90
C ILE A 279 -2.34 10.56 14.18
N PRO A 280 -2.41 11.70 14.86
CA PRO A 280 -2.49 12.92 14.08
C PRO A 280 -1.17 13.34 13.40
N ASP A 281 -0.01 13.01 13.97
CA ASP A 281 1.26 13.29 13.27
C ASP A 281 1.33 12.38 11.94
N PHE A 282 0.80 11.19 12.04
CA PHE A 282 0.96 10.17 10.95
C PHE A 282 -0.02 10.57 9.88
N LEU A 283 -1.19 11.11 10.25
CA LEU A 283 -2.15 11.61 9.25
C LEU A 283 -1.57 12.82 8.50
N ARG A 284 -0.86 13.65 9.22
CA ARG A 284 -0.17 14.80 8.66
C ARG A 284 1.00 14.41 7.74
N LEU A 285 1.72 13.38 8.09
CA LEU A 285 2.83 12.88 7.31
C LEU A 285 2.29 12.35 5.97
N ARG A 286 1.16 11.67 6.03
CA ARG A 286 0.57 11.12 4.78
C ARG A 286 0.09 12.27 3.88
N HIS A 287 -0.33 13.37 4.48
CA HIS A 287 -0.78 14.54 3.76
C HIS A 287 0.41 15.16 2.95
N VAL A 288 1.55 15.20 3.60
CA VAL A 288 2.82 15.69 3.03
C VAL A 288 3.20 14.82 1.83
N LEU A 289 3.15 13.51 1.99
CA LEU A 289 3.47 12.58 0.91
C LEU A 289 2.57 12.77 -0.31
N ILE A 290 1.27 12.83 -0.09
CA ILE A 290 0.33 13.08 -1.13
C ILE A 290 0.65 14.36 -1.88
N TYR A 291 0.92 15.43 -1.16
CA TYR A 291 1.28 16.71 -1.74
C TYR A 291 2.50 16.60 -2.62
N GLY A 292 3.51 15.85 -2.16
CA GLY A 292 4.66 15.50 -3.00
C GLY A 292 4.30 14.63 -4.20
N LEU A 293 3.44 13.64 -3.99
CA LEU A 293 2.89 12.84 -5.09
C LEU A 293 2.11 13.63 -6.17
N LEU A 294 1.46 14.71 -5.80
CA LEU A 294 0.63 15.49 -6.71
C LEU A 294 1.52 16.44 -7.48
N HIS A 295 2.67 16.77 -6.92
CA HIS A 295 3.60 17.57 -7.66
C HIS A 295 4.30 16.73 -8.69
N GLN A 296 4.57 15.48 -8.39
CA GLN A 296 5.17 14.54 -9.37
C GLN A 296 4.18 14.20 -10.50
N ALA A 297 2.90 14.04 -10.16
CA ALA A 297 1.85 13.72 -11.13
C ALA A 297 1.54 14.92 -12.01
N PHE A 298 1.41 16.09 -11.38
CA PHE A 298 0.99 17.27 -12.12
C PHE A 298 2.15 17.90 -12.86
N ASP A 299 1.85 18.33 -14.09
CA ASP A 299 2.71 19.24 -14.85
C ASP A 299 2.22 20.65 -14.51
N LEU A 300 2.99 21.38 -13.72
CA LEU A 300 2.62 22.72 -13.24
C LEU A 300 2.37 23.74 -14.37
N ALA A 301 3.01 23.52 -15.52
CA ALA A 301 2.77 24.32 -16.74
C ALA A 301 1.32 24.23 -17.29
N THR A 302 0.85 22.99 -17.51
CA THR A 302 -0.43 22.68 -18.17
C THR A 302 -1.60 22.36 -17.20
N ILE A 303 -1.66 23.01 -16.04
CA ILE A 303 -2.55 22.60 -14.96
C ILE A 303 -3.68 23.62 -14.87
N GLY A 304 -4.93 23.16 -14.77
CA GLY A 304 -6.10 24.07 -14.65
C GLY A 304 -6.38 24.65 -13.26
N ASP A 305 -7.42 25.47 -13.16
CA ASP A 305 -7.84 26.04 -11.85
C ASP A 305 -8.24 25.04 -10.71
N GLU A 306 -8.74 23.87 -11.08
CA GLU A 306 -9.21 22.90 -10.12
C GLU A 306 -8.03 22.14 -9.53
N GLU A 307 -7.10 21.73 -10.39
CA GLU A 307 -5.86 21.11 -9.95
C GLU A 307 -5.13 22.09 -9.00
N LYS A 308 -5.10 23.37 -9.34
CA LYS A 308 -4.45 24.37 -8.49
C LYS A 308 -5.16 24.60 -7.20
N ALA A 309 -6.49 24.48 -7.23
CA ALA A 309 -7.25 24.52 -6.01
C ALA A 309 -6.89 23.35 -5.11
N MET A 310 -6.76 22.15 -5.67
CA MET A 310 -6.41 20.97 -4.89
C MET A 310 -5.06 21.18 -4.24
N LEU A 311 -4.11 21.57 -5.04
CA LEU A 311 -2.76 21.86 -4.56
C LEU A 311 -2.77 22.91 -3.46
N ALA A 312 -3.64 23.91 -3.58
CA ALA A 312 -3.70 24.99 -2.60
C ALA A 312 -4.26 24.52 -1.28
N SER A 313 -5.35 23.76 -1.30
CA SER A 313 -5.87 23.18 -0.11
C SER A 313 -4.78 22.38 0.69
N PHE A 314 -4.13 21.42 0.02
CA PHE A 314 -2.98 20.72 0.62
C PHE A 314 -1.89 21.60 1.12
N ARG A 315 -1.52 22.59 0.32
CA ARG A 315 -0.41 23.43 0.71
C ARG A 315 -0.68 24.21 2.05
N SER A 316 -1.85 24.80 2.22
CA SER A 316 -2.16 25.52 3.44
C SER A 316 -2.31 24.58 4.62
N ASP A 317 -2.87 23.39 4.42
CA ASP A 317 -2.84 22.44 5.53
C ASP A 317 -1.39 22.19 6.02
N ILE A 318 -0.47 21.94 5.10
CA ILE A 318 0.91 21.60 5.49
C ILE A 318 1.63 22.78 6.19
N GLU A 319 1.47 23.96 5.58
CA GLU A 319 2.07 25.16 6.02
C GLU A 319 1.65 25.59 7.42
N GLN A 320 0.38 25.39 7.73
CA GLN A 320 -0.19 25.70 8.99
C GLN A 320 -0.28 24.48 9.93
N ALA A 321 0.34 23.33 9.57
CA ALA A 321 0.35 22.12 10.43
C ALA A 321 -1.06 21.80 10.88
N ALA A 322 -2.03 21.99 10.02
CA ALA A 322 -3.44 21.76 10.40
C ALA A 322 -3.71 20.25 10.63
N PRO A 323 -4.46 19.94 11.73
CA PRO A 323 -4.83 18.54 11.99
C PRO A 323 -5.68 18.04 10.86
N ILE A 324 -5.50 16.78 10.43
CA ILE A 324 -6.36 16.22 9.41
C ILE A 324 -7.80 16.00 9.94
N THR A 325 -7.93 15.60 11.20
CA THR A 325 -9.21 15.62 11.87
C THR A 325 -9.00 16.07 13.31
N THR A 326 -10.09 16.54 13.87
CA THR A 326 -10.06 17.11 15.18
C THR A 326 -10.35 16.04 16.26
N PHE A 327 -10.74 14.85 15.89
CA PHE A 327 -10.99 13.84 16.90
C PHE A 327 -9.77 13.58 17.78
N ASP A 328 -10.04 13.27 19.04
CA ASP A 328 -8.94 13.02 20.01
C ASP A 328 -8.84 11.54 20.25
N PHE A 329 -7.80 10.98 19.67
CA PHE A 329 -7.70 9.52 19.66
C PHE A 329 -7.24 8.97 20.99
N THR A 330 -6.73 9.83 21.89
CA THR A 330 -6.32 9.31 23.16
C THR A 330 -7.54 8.86 23.94
N LYS A 331 -8.73 9.29 23.55
CA LYS A 331 -9.90 8.86 24.32
C LYS A 331 -10.26 7.44 24.05
N LEU A 332 -9.69 6.80 23.00
CA LEU A 332 -9.99 5.41 22.74
C LEU A 332 -9.11 4.40 23.52
N SER A 333 -8.42 4.82 24.59
CA SER A 333 -7.68 3.96 25.56
C SER A 333 -8.18 2.56 25.76
#